data_2AA0
#
_entry.id   2AA0
#
_cell.length_a   60.348
_cell.length_b   61.701
_cell.length_c   91.958
_cell.angle_alpha   90.00
_cell.angle_beta   90.00
_cell.angle_gamma   90.00
#
_symmetry.space_group_name_H-M   'P 21 21 21'
#
loop_
_entity.id
_entity.type
_entity.pdbx_description
1 polymer 'adenosine kinase'
2 non-polymer 'CHLORIDE ION'
3 non-polymer 'SODIUM ION'
4 non-polymer 'ACETATE ION'
5 non-polymer 2-HYDROXYMETHYL-5-(6-METHYLSULFANYL-PURIN-9-YL)-TETRAHYDRO-FURAN-3,4-DIOL
6 water water
#
_entity_poly.entity_id   1
_entity_poly.type   'polypeptide(L)'
_entity_poly.pdbx_seq_one_letter_code
;MGSSHHHHHHSSGLVPRGSHMAVDSSNSATGPMRVFAIGNPILDLVAEVPSSFLDEFFLKRGDATLATPEQMRIYSTLDQ
FNPTSLPGGSALNSVRVVQKLLRKPGSAGYMGAIGDDPRGQVLKELCDKEGLATRFMVAPGQSTGVCAVLINEKERTLCT
HLGACGSFRLPEDWTTFASGALIFYATAYTLTATPKNALEVAGYAHGIPNAIFTLNLSAPFCVELYKDAMQSLLLHTNIL
FGNEEEFAHLAKVHNLVAAEKTALSTANKEHAVEVCTGALRLLTAGQNTSATKLVVMTRGHNPVIAAEQTADGTVVVHEV
GVPVVAAEKIVDTNGAGDAFVGGFLYALSQGKTVKQCIMCGNACAQDVIQHVGFSLSFTFTSG
;
_entity_poly.pdbx_strand_id   A
#
loop_
_chem_comp.id
_chem_comp.type
_chem_comp.name
_chem_comp.formula
ACT non-polymer 'ACETATE ION' 'C2 H3 O2 -1'
CL non-polymer 'CHLORIDE ION' 'Cl -1'
MTP non-polymer 2-HYDROXYMETHYL-5-(6-METHYLSULFANYL-PURIN-9-YL)-TETRAHYDRO-FURAN-3,4-DIOL 'C11 H14 N4 O4 S'
NA non-polymer 'SODIUM ION' 'Na 1'
#
# COMPACT_ATOMS: atom_id res chain seq x y z
N THR A 30 -15.49 4.29 -19.15
CA THR A 30 -16.54 4.50 -18.09
C THR A 30 -16.90 3.18 -17.41
N GLY A 31 -15.90 2.53 -16.81
CA GLY A 31 -16.14 1.27 -16.13
C GLY A 31 -15.91 0.07 -17.03
N PRO A 32 -16.17 -1.14 -16.54
CA PRO A 32 -16.67 -1.41 -15.18
C PRO A 32 -15.57 -1.28 -14.14
N MET A 33 -15.93 -0.80 -12.95
CA MET A 33 -14.94 -0.66 -11.89
C MET A 33 -14.69 -2.03 -11.26
N ARG A 34 -13.43 -2.43 -11.23
CA ARG A 34 -13.07 -3.74 -10.69
C ARG A 34 -12.47 -3.69 -9.29
N VAL A 35 -11.89 -2.54 -8.95
CA VAL A 35 -11.25 -2.37 -7.64
C VAL A 35 -11.52 -0.97 -7.09
N PHE A 36 -11.83 -0.89 -5.81
CA PHE A 36 -12.06 0.40 -5.15
C PHE A 36 -11.11 0.48 -3.97
N ALA A 37 -10.44 1.62 -3.81
CA ALA A 37 -9.51 1.78 -2.69
C ALA A 37 -9.62 3.15 -2.05
N ILE A 38 -9.22 3.23 -0.78
CA ILE A 38 -9.19 4.50 -0.06
C ILE A 38 -7.74 4.68 0.34
N GLY A 39 -7.28 5.92 0.42
CA GLY A 39 -5.90 6.12 0.81
C GLY A 39 -5.57 7.57 1.14
N ASN A 40 -4.29 7.84 1.30
CA ASN A 40 -3.80 9.18 1.58
C ASN A 40 -3.21 9.65 0.27
N PRO A 41 -3.91 10.54 -0.46
CA PRO A 41 -3.41 11.04 -1.75
C PRO A 41 -2.27 12.02 -1.51
N ILE A 42 -1.10 11.67 -2.03
CA ILE A 42 0.10 12.46 -1.84
C ILE A 42 0.83 12.76 -3.14
N LEU A 43 1.32 13.99 -3.28
CA LEU A 43 2.08 14.35 -4.47
C LEU A 43 3.55 14.15 -4.13
N ASP A 44 4.24 13.30 -4.89
CA ASP A 44 5.66 13.05 -4.66
C ASP A 44 6.51 14.08 -5.39
N LEU A 45 7.46 14.66 -4.68
CA LEU A 45 8.37 15.64 -5.26
C LEU A 45 9.74 15.00 -5.30
N VAL A 46 10.15 14.55 -6.48
CA VAL A 46 11.42 13.86 -6.65
C VAL A 46 12.53 14.80 -7.12
N ALA A 47 13.72 14.65 -6.53
CA ALA A 47 14.85 15.48 -6.89
C ALA A 47 16.13 15.03 -6.24
N GLU A 48 17.24 15.16 -6.97
CA GLU A 48 18.56 14.81 -6.46
C GLU A 48 19.02 16.00 -5.61
N VAL A 49 19.64 15.71 -4.47
CA VAL A 49 20.09 16.79 -3.59
C VAL A 49 21.46 16.51 -2.97
N PRO A 50 22.16 17.57 -2.54
CA PRO A 50 23.48 17.47 -1.91
C PRO A 50 23.35 16.88 -0.51
N SER A 51 24.42 16.28 0.00
CA SER A 51 24.38 15.72 1.34
C SER A 51 24.15 16.80 2.39
N SER A 52 24.49 18.04 2.05
CA SER A 52 24.31 19.16 2.97
C SER A 52 22.81 19.39 3.18
N PHE A 53 22.00 18.97 2.22
CA PHE A 53 20.56 19.13 2.31
C PHE A 53 20.04 18.23 3.43
N LEU A 54 20.41 16.95 3.36
N LEU A 54 20.41 16.95 3.36
CA LEU A 54 19.99 15.99 4.38
CA LEU A 54 19.99 15.99 4.38
C LEU A 54 20.46 16.42 5.76
C LEU A 54 20.46 16.42 5.76
N ASP A 55 21.69 16.92 5.82
CA ASP A 55 22.26 17.37 7.10
C ASP A 55 21.55 18.59 7.64
N GLU A 56 21.27 19.56 6.76
CA GLU A 56 20.59 20.78 7.16
C GLU A 56 19.20 20.53 7.74
N PHE A 57 18.53 19.49 7.24
CA PHE A 57 17.19 19.15 7.72
C PHE A 57 17.17 17.96 8.67
N PHE A 58 18.36 17.60 9.15
CA PHE A 58 18.51 16.50 10.11
C PHE A 58 17.84 15.20 9.66
N LEU A 59 18.08 14.82 8.41
CA LEU A 59 17.53 13.59 7.85
C LEU A 59 18.59 12.50 7.81
N LYS A 60 18.18 11.25 7.97
CA LYS A 60 19.11 10.14 7.89
C LYS A 60 18.88 9.42 6.57
N ARG A 61 19.90 9.43 5.72
CA ARG A 61 19.83 8.81 4.40
C ARG A 61 19.21 7.41 4.43
N GLY A 62 18.22 7.18 3.56
CA GLY A 62 17.59 5.88 3.49
C GLY A 62 16.34 5.65 4.31
N ASP A 63 15.99 6.58 5.19
CA ASP A 63 14.81 6.41 6.01
C ASP A 63 13.60 7.18 5.49
N ALA A 64 12.41 6.69 5.82
CA ALA A 64 11.15 7.31 5.43
C ALA A 64 10.49 7.80 6.71
N THR A 65 10.21 9.09 6.78
CA THR A 65 9.62 9.66 7.98
C THR A 65 8.57 10.74 7.71
N LEU A 66 7.92 11.18 8.78
CA LEU A 66 6.93 12.24 8.70
C LEU A 66 7.66 13.51 9.10
N ALA A 67 7.45 14.57 8.34
CA ALA A 67 8.09 15.86 8.58
C ALA A 67 7.96 16.34 10.02
N THR A 68 9.07 16.80 10.59
CA THR A 68 9.11 17.31 11.95
C THR A 68 8.90 18.82 11.83
N PRO A 69 8.64 19.51 12.96
CA PRO A 69 8.43 20.96 12.93
C PRO A 69 9.59 21.74 12.30
N GLU A 70 10.81 21.30 12.53
CA GLU A 70 11.97 22.00 11.97
C GLU A 70 12.25 21.64 10.51
N GLN A 71 11.38 20.84 9.90
CA GLN A 71 11.54 20.44 8.50
C GLN A 71 10.39 20.96 7.66
N MET A 72 9.57 21.82 8.23
CA MET A 72 8.42 22.36 7.50
C MET A 72 8.75 23.24 6.31
N ARG A 73 9.99 23.69 6.21
CA ARG A 73 10.38 24.52 5.07
C ARG A 73 11.11 23.67 4.03
N ILE A 74 11.13 22.36 4.24
CA ILE A 74 11.82 21.46 3.32
C ILE A 74 11.22 21.44 1.91
N TYR A 75 9.91 21.48 1.81
CA TYR A 75 9.27 21.45 0.50
C TYR A 75 9.52 22.71 -0.32
N SER A 76 9.42 23.88 0.31
CA SER A 76 9.66 25.13 -0.42
C SER A 76 11.16 25.23 -0.76
N THR A 77 12.00 24.71 0.13
CA THR A 77 13.44 24.74 -0.08
C THR A 77 13.85 23.75 -1.16
N LEU A 78 13.01 22.74 -1.38
N LEU A 78 13.00 22.74 -1.37
CA LEU A 78 13.28 21.72 -2.38
CA LEU A 78 13.26 21.71 -2.37
C LEU A 78 13.17 22.30 -3.78
C LEU A 78 13.14 22.27 -3.78
N ASP A 79 12.32 23.31 -3.95
CA ASP A 79 12.12 23.95 -5.25
C ASP A 79 13.38 24.39 -5.97
N GLN A 80 14.41 24.78 -5.22
CA GLN A 80 15.65 25.22 -5.85
C GLN A 80 16.46 24.05 -6.40
N PHE A 81 15.89 22.85 -6.37
CA PHE A 81 16.57 21.68 -6.88
C PHE A 81 15.83 21.05 -8.06
N ASN A 82 14.96 21.84 -8.69
CA ASN A 82 14.20 21.37 -9.85
C ASN A 82 13.47 20.05 -9.57
N PRO A 83 12.44 20.08 -8.70
CA PRO A 83 11.64 18.92 -8.33
C PRO A 83 10.66 18.46 -9.41
N THR A 84 10.51 17.15 -9.54
CA THR A 84 9.58 16.56 -10.52
C THR A 84 8.34 16.11 -9.75
N SER A 85 7.17 16.63 -10.13
CA SER A 85 5.93 16.27 -9.47
C SER A 85 5.27 15.03 -10.08
N LEU A 86 5.07 14.00 -9.25
CA LEU A 86 4.46 12.76 -9.69
C LEU A 86 3.42 12.30 -8.68
N PRO A 87 2.35 11.67 -9.15
CA PRO A 87 1.33 11.22 -8.19
C PRO A 87 1.95 10.20 -7.24
N GLY A 88 1.62 10.30 -5.96
CA GLY A 88 2.17 9.39 -4.97
C GLY A 88 1.11 8.88 -4.02
N GLY A 89 1.55 8.36 -2.87
CA GLY A 89 0.62 7.80 -1.91
C GLY A 89 0.62 6.31 -2.16
N SER A 90 0.76 5.51 -1.10
CA SER A 90 0.81 4.06 -1.22
C SER A 90 -0.38 3.44 -1.95
N ALA A 91 -1.59 3.61 -1.43
CA ALA A 91 -2.77 3.05 -2.07
C ALA A 91 -2.98 3.59 -3.49
N LEU A 92 -2.70 4.88 -3.68
CA LEU A 92 -2.88 5.50 -4.99
C LEU A 92 -1.93 4.89 -6.01
N ASN A 93 -0.72 4.54 -5.57
CA ASN A 93 0.25 3.90 -6.43
C ASN A 93 -0.23 2.51 -6.83
N SER A 94 -0.84 1.79 -5.90
CA SER A 94 -1.36 0.46 -6.17
C SER A 94 -2.55 0.47 -7.13
N VAL A 95 -3.47 1.41 -6.97
CA VAL A 95 -4.62 1.44 -7.88
C VAL A 95 -4.22 1.98 -9.26
N ARG A 96 -3.17 2.78 -9.33
CA ARG A 96 -2.73 3.28 -10.63
C ARG A 96 -2.18 2.09 -11.42
N VAL A 97 -1.55 1.15 -10.72
CA VAL A 97 -1.03 -0.05 -11.39
C VAL A 97 -2.23 -0.84 -11.93
N VAL A 98 -3.27 -0.98 -11.12
CA VAL A 98 -4.45 -1.71 -11.54
C VAL A 98 -5.09 -1.06 -12.76
N GLN A 99 -5.26 0.26 -12.70
CA GLN A 99 -5.85 1.01 -13.80
C GLN A 99 -5.03 0.88 -15.10
N LYS A 100 -3.70 0.92 -14.96
CA LYS A 100 -2.82 0.82 -16.12
C LYS A 100 -3.00 -0.53 -16.82
N LEU A 101 -3.13 -1.58 -16.01
CA LEU A 101 -3.30 -2.92 -16.56
C LEU A 101 -4.68 -3.20 -17.15
N LEU A 102 -5.72 -2.59 -16.57
CA LEU A 102 -7.07 -2.80 -17.07
C LEU A 102 -7.38 -1.89 -18.26
N ARG A 103 -6.67 -0.76 -18.34
CA ARG A 103 -6.78 0.19 -19.44
C ARG A 103 -8.09 0.97 -19.60
N LYS A 104 -9.22 0.29 -19.55
CA LYS A 104 -10.49 0.98 -19.71
C LYS A 104 -10.65 2.06 -18.64
N PRO A 105 -11.02 3.28 -19.03
CA PRO A 105 -11.18 4.37 -18.06
C PRO A 105 -12.13 3.95 -16.94
N GLY A 106 -11.78 4.32 -15.72
CA GLY A 106 -12.63 3.99 -14.58
C GLY A 106 -12.58 2.54 -14.15
N SER A 107 -11.52 1.82 -14.54
CA SER A 107 -11.39 0.42 -14.15
C SER A 107 -11.14 0.29 -12.64
N ALA A 108 -10.51 1.32 -12.08
CA ALA A 108 -10.23 1.35 -10.65
C ALA A 108 -10.72 2.67 -10.09
N GLY A 109 -11.25 2.64 -8.86
CA GLY A 109 -11.75 3.83 -8.22
C GLY A 109 -10.97 4.13 -6.97
N TYR A 110 -10.90 5.41 -6.59
CA TYR A 110 -10.13 5.82 -5.43
C TYR A 110 -10.72 7.04 -4.72
N MET A 111 -10.66 7.05 -3.40
CA MET A 111 -11.11 8.19 -2.60
C MET A 111 -10.11 8.53 -1.51
N GLY A 112 -9.93 9.84 -1.29
CA GLY A 112 -9.03 10.34 -0.28
C GLY A 112 -9.32 11.82 -0.16
N ALA A 113 -8.60 12.52 0.72
CA ALA A 113 -8.82 13.95 0.88
C ALA A 113 -7.60 14.76 0.43
N ILE A 114 -7.86 15.92 -0.18
CA ILE A 114 -6.79 16.82 -0.64
C ILE A 114 -7.09 18.21 -0.09
N GLY A 115 -6.16 19.13 -0.28
CA GLY A 115 -6.36 20.48 0.20
C GLY A 115 -6.93 21.33 -0.92
N ASP A 116 -7.28 22.58 -0.62
CA ASP A 116 -7.83 23.47 -1.63
C ASP A 116 -6.71 24.36 -2.16
N ASP A 117 -5.58 23.72 -2.48
CA ASP A 117 -4.40 24.42 -2.97
C ASP A 117 -3.97 23.99 -4.37
N PRO A 118 -3.00 24.70 -4.97
CA PRO A 118 -2.53 24.36 -6.31
C PRO A 118 -2.06 22.91 -6.41
N ARG A 119 -1.35 22.45 -5.37
N ARG A 119 -1.35 22.45 -5.37
CA ARG A 119 -0.83 21.08 -5.35
CA ARG A 119 -0.83 21.09 -5.33
C ARG A 119 -1.95 20.06 -5.47
C ARG A 119 -1.95 20.06 -5.47
N GLY A 120 -3.11 20.37 -4.91
CA GLY A 120 -4.24 19.45 -4.99
C GLY A 120 -4.71 19.31 -6.42
N GLN A 121 -4.74 20.44 -7.13
CA GLN A 121 -5.17 20.47 -8.52
C GLN A 121 -4.17 19.71 -9.39
N VAL A 122 -2.89 19.83 -9.06
CA VAL A 122 -1.84 19.15 -9.81
C VAL A 122 -1.98 17.64 -9.69
N LEU A 123 -2.30 17.16 -8.48
CA LEU A 123 -2.45 15.73 -8.23
C LEU A 123 -3.69 15.20 -8.94
N LYS A 124 -4.79 15.92 -8.84
CA LYS A 124 -6.04 15.50 -9.47
C LYS A 124 -5.86 15.38 -10.99
N GLU A 125 -5.15 16.33 -11.59
CA GLU A 125 -4.93 16.30 -13.02
C GLU A 125 -4.09 15.09 -13.44
N LEU A 126 -3.04 14.81 -12.68
CA LEU A 126 -2.17 13.68 -12.98
C LEU A 126 -2.95 12.37 -12.95
N CYS A 127 -3.93 12.28 -12.05
CA CYS A 127 -4.74 11.08 -11.92
C CYS A 127 -5.77 10.96 -13.05
N ASP A 128 -6.43 12.07 -13.36
CA ASP A 128 -7.44 12.07 -14.42
C ASP A 128 -6.88 11.67 -15.78
N LYS A 129 -5.66 12.08 -16.08
CA LYS A 129 -5.08 11.75 -17.37
C LYS A 129 -4.70 10.27 -17.49
N GLU A 130 -4.64 9.56 -16.36
CA GLU A 130 -4.31 8.15 -16.40
C GLU A 130 -5.60 7.32 -16.51
N GLY A 131 -6.74 7.99 -16.41
CA GLY A 131 -8.02 7.31 -16.52
C GLY A 131 -8.60 6.79 -15.22
N LEU A 132 -7.95 7.10 -14.10
CA LEU A 132 -8.43 6.63 -12.81
C LEU A 132 -9.71 7.33 -12.40
N ALA A 133 -10.66 6.60 -11.82
CA ALA A 133 -11.90 7.19 -11.36
C ALA A 133 -11.59 7.61 -9.93
N THR A 134 -11.77 8.89 -9.63
CA THR A 134 -11.46 9.38 -8.31
C THR A 134 -12.41 10.44 -7.79
N ARG A 135 -12.46 10.56 -6.49
N ARG A 135 -12.46 10.58 -6.48
CA ARG A 135 -13.24 11.60 -5.83
CA ARG A 135 -13.27 11.60 -5.84
C ARG A 135 -12.38 12.05 -4.68
C ARG A 135 -12.44 12.08 -4.67
N PHE A 136 -11.78 13.22 -4.84
CA PHE A 136 -10.93 13.79 -3.81
C PHE A 136 -11.73 14.79 -3.01
N MET A 137 -11.82 14.55 -1.71
N MET A 137 -11.85 14.56 -1.71
CA MET A 137 -12.54 15.44 -0.81
CA MET A 137 -12.59 15.45 -0.84
C MET A 137 -11.65 16.62 -0.47
C MET A 137 -11.68 16.61 -0.45
N VAL A 138 -12.14 17.83 -0.72
CA VAL A 138 -11.36 19.02 -0.43
C VAL A 138 -11.51 19.51 1.01
N ALA A 139 -10.39 19.79 1.64
CA ALA A 139 -10.36 20.29 3.01
C ALA A 139 -9.90 21.74 2.96
N PRO A 140 -10.83 22.70 3.02
CA PRO A 140 -10.38 24.10 2.98
C PRO A 140 -9.38 24.45 4.07
N GLY A 141 -8.38 25.25 3.69
CA GLY A 141 -7.37 25.68 4.64
C GLY A 141 -6.25 24.71 4.89
N GLN A 142 -6.37 23.49 4.38
CA GLN A 142 -5.32 22.48 4.59
C GLN A 142 -4.51 22.27 3.32
N SER A 143 -3.30 21.75 3.47
CA SER A 143 -2.45 21.52 2.31
C SER A 143 -2.46 20.05 1.86
N THR A 144 -2.48 19.83 0.56
CA THR A 144 -2.48 18.49 0.00
C THR A 144 -1.24 17.71 0.45
N GLY A 145 -1.42 16.41 0.69
CA GLY A 145 -0.31 15.58 1.13
C GLY A 145 0.87 15.72 0.19
N VAL A 146 2.08 15.70 0.74
CA VAL A 146 3.27 15.84 -0.09
C VAL A 146 4.41 15.01 0.48
N CYS A 147 5.19 14.41 -0.42
CA CYS A 147 6.32 13.59 -0.01
C CYS A 147 7.58 13.96 -0.76
N ALA A 148 8.62 14.32 -0.01
CA ALA A 148 9.90 14.67 -0.62
C ALA A 148 10.69 13.39 -0.82
N VAL A 149 10.92 13.04 -2.08
CA VAL A 149 11.71 11.86 -2.41
C VAL A 149 13.08 12.41 -2.75
N LEU A 150 13.97 12.38 -1.76
CA LEU A 150 15.32 12.92 -1.92
C LEU A 150 16.33 11.87 -2.37
N ILE A 151 16.92 12.08 -3.54
CA ILE A 151 17.91 11.17 -4.09
C ILE A 151 19.33 11.65 -3.77
N ASN A 152 20.06 10.86 -3.00
CA ASN A 152 21.42 11.22 -2.63
C ASN A 152 22.28 9.98 -2.36
N GLU A 153 23.43 9.91 -3.02
CA GLU A 153 24.35 8.79 -2.87
C GLU A 153 23.69 7.44 -3.09
N LYS A 154 22.95 7.32 -4.20
CA LYS A 154 22.27 6.09 -4.57
C LYS A 154 21.17 5.64 -3.61
N GLU A 155 20.75 6.53 -2.72
CA GLU A 155 19.69 6.18 -1.78
C GLU A 155 18.51 7.14 -1.85
N ARG A 156 17.35 6.65 -1.43
CA ARG A 156 16.13 7.45 -1.42
C ARG A 156 15.73 7.78 0.01
N THR A 157 15.59 9.05 0.30
CA THR A 157 15.19 9.50 1.63
C THR A 157 13.85 10.21 1.50
N LEU A 158 12.84 9.68 2.16
CA LEU A 158 11.49 10.24 2.09
C LEU A 158 11.07 11.02 3.33
N CYS A 159 10.44 12.17 3.10
CA CYS A 159 9.95 13.02 4.19
C CYS A 159 8.54 13.41 3.79
N THR A 160 7.56 12.84 4.49
CA THR A 160 6.15 13.07 4.18
C THR A 160 5.39 13.95 5.15
N HIS A 161 4.54 14.81 4.59
CA HIS A 161 3.69 15.69 5.38
C HIS A 161 2.27 15.39 4.91
N LEU A 162 1.50 14.71 5.75
CA LEU A 162 0.14 14.31 5.38
C LEU A 162 -0.87 15.42 5.10
N GLY A 163 -0.82 16.50 5.87
CA GLY A 163 -1.76 17.58 5.64
C GLY A 163 -3.23 17.17 5.59
N ALA A 164 -3.92 17.60 4.53
CA ALA A 164 -5.34 17.31 4.33
C ALA A 164 -5.73 15.83 4.35
N CYS A 165 -4.79 14.94 4.06
CA CYS A 165 -5.11 13.51 4.06
C CYS A 165 -5.82 13.11 5.35
N GLY A 166 -5.35 13.68 6.46
CA GLY A 166 -5.93 13.35 7.75
C GLY A 166 -7.37 13.72 7.96
N SER A 167 -7.94 14.53 7.07
CA SER A 167 -9.33 14.97 7.23
C SER A 167 -10.34 14.07 6.52
N PHE A 168 -9.83 13.12 5.74
CA PHE A 168 -10.71 12.23 4.97
C PHE A 168 -11.74 11.48 5.80
N ARG A 169 -12.98 11.58 5.38
CA ARG A 169 -14.10 10.89 6.01
C ARG A 169 -14.94 10.35 4.86
N LEU A 170 -14.97 9.02 4.75
CA LEU A 170 -15.70 8.34 3.70
C LEU A 170 -17.13 8.87 3.56
N PRO A 171 -17.49 9.34 2.37
CA PRO A 171 -18.84 9.87 2.15
C PRO A 171 -19.91 8.77 2.18
N GLU A 172 -21.11 9.13 2.60
CA GLU A 172 -22.21 8.18 2.71
C GLU A 172 -22.56 7.44 1.43
N ASP A 173 -22.30 8.04 0.28
CA ASP A 173 -22.62 7.43 -1.01
C ASP A 173 -21.44 6.74 -1.69
N TRP A 174 -20.43 6.36 -0.91
CA TRP A 174 -19.26 5.72 -1.49
C TRP A 174 -19.58 4.39 -2.17
N THR A 175 -20.60 3.69 -1.68
CA THR A 175 -20.96 2.40 -2.27
C THR A 175 -21.54 2.59 -3.68
N THR A 176 -22.12 3.76 -3.93
CA THR A 176 -22.68 4.04 -5.24
C THR A 176 -21.54 4.38 -6.17
N PHE A 177 -20.59 5.16 -5.67
CA PHE A 177 -19.41 5.53 -6.45
C PHE A 177 -18.67 4.26 -6.86
N ALA A 178 -18.59 3.31 -5.93
CA ALA A 178 -17.88 2.06 -6.20
C ALA A 178 -18.72 0.93 -6.82
N SER A 179 -19.95 1.25 -7.24
CA SER A 179 -20.83 0.24 -7.83
C SER A 179 -20.12 -0.69 -8.80
N GLY A 180 -20.36 -2.00 -8.64
CA GLY A 180 -19.73 -2.97 -9.54
C GLY A 180 -18.46 -3.61 -9.02
N ALA A 181 -17.67 -2.88 -8.26
CA ALA A 181 -16.41 -3.41 -7.72
C ALA A 181 -16.62 -4.41 -6.59
N LEU A 182 -15.95 -5.56 -6.71
CA LEU A 182 -16.04 -6.60 -5.68
C LEU A 182 -14.73 -6.71 -4.90
N ILE A 183 -13.70 -5.98 -5.36
CA ILE A 183 -12.41 -5.99 -4.68
C ILE A 183 -12.20 -4.61 -4.05
N PHE A 184 -12.06 -4.58 -2.72
CA PHE A 184 -11.88 -3.34 -1.99
C PHE A 184 -10.49 -3.35 -1.37
N TYR A 185 -9.84 -2.20 -1.31
CA TYR A 185 -8.49 -2.14 -0.76
C TYR A 185 -8.26 -0.91 0.12
N ALA A 186 -7.54 -1.11 1.21
CA ALA A 186 -7.19 -0.03 2.10
C ALA A 186 -5.82 -0.32 2.68
N THR A 187 -5.04 0.73 2.89
CA THR A 187 -3.74 0.60 3.49
C THR A 187 -3.94 0.91 4.98
N ALA A 188 -3.08 0.35 5.83
CA ALA A 188 -3.15 0.62 7.25
C ALA A 188 -2.85 2.10 7.45
N TYR A 189 -2.16 2.70 6.47
CA TYR A 189 -1.83 4.13 6.54
C TYR A 189 -3.11 4.96 6.66
N THR A 190 -4.24 4.45 6.17
CA THR A 190 -5.50 5.20 6.23
C THR A 190 -6.04 5.28 7.64
N LEU A 191 -5.48 4.46 8.53
CA LEU A 191 -5.91 4.46 9.93
C LEU A 191 -5.49 5.75 10.64
N THR A 192 -4.53 6.46 10.03
CA THR A 192 -4.02 7.70 10.59
C THR A 192 -4.97 8.89 10.47
N ALA A 193 -6.00 8.74 9.63
CA ALA A 193 -7.00 9.80 9.49
C ALA A 193 -8.04 9.35 10.52
N THR A 194 -8.58 8.15 10.29
CA THR A 194 -9.52 7.52 11.22
C THR A 194 -9.73 6.08 10.77
N PRO A 195 -9.66 5.14 11.73
CA PRO A 195 -9.85 3.72 11.38
C PRO A 195 -11.29 3.43 10.94
N LYS A 196 -12.18 4.40 11.15
CA LYS A 196 -13.58 4.23 10.76
C LYS A 196 -13.78 4.11 9.25
N ASN A 197 -12.87 4.70 8.47
CA ASN A 197 -12.98 4.63 7.01
C ASN A 197 -12.76 3.20 6.56
N ALA A 198 -11.62 2.59 6.91
CA ALA A 198 -11.36 1.22 6.52
C ALA A 198 -12.38 0.25 7.15
N LEU A 199 -12.82 0.52 8.37
CA LEU A 199 -13.80 -0.36 8.99
C LEU A 199 -15.14 -0.33 8.28
N GLU A 200 -15.48 0.82 7.73
CA GLU A 200 -16.75 0.94 7.02
C GLU A 200 -16.70 0.18 5.69
N VAL A 201 -15.58 0.28 4.99
CA VAL A 201 -15.41 -0.41 3.72
C VAL A 201 -15.41 -1.92 3.98
N ALA A 202 -14.61 -2.37 4.94
CA ALA A 202 -14.54 -3.79 5.26
C ALA A 202 -15.89 -4.30 5.78
N GLY A 203 -16.62 -3.44 6.49
CA GLY A 203 -17.93 -3.83 7.02
C GLY A 203 -18.95 -4.09 5.93
N TYR A 204 -18.80 -3.40 4.80
CA TYR A 204 -19.69 -3.55 3.66
C TYR A 204 -19.45 -4.91 2.99
N ALA A 205 -18.17 -5.27 2.89
CA ALA A 205 -17.78 -6.54 2.27
C ALA A 205 -17.99 -7.77 3.15
N HIS A 206 -17.96 -7.58 4.47
CA HIS A 206 -18.10 -8.72 5.36
C HIS A 206 -19.42 -9.49 5.23
N GLY A 207 -19.32 -10.82 5.18
CA GLY A 207 -20.53 -11.62 5.08
C GLY A 207 -20.98 -11.94 3.66
N ILE A 208 -20.55 -11.11 2.70
CA ILE A 208 -20.90 -11.33 1.29
C ILE A 208 -19.80 -12.22 0.73
N PRO A 209 -20.12 -13.49 0.43
CA PRO A 209 -19.14 -14.44 -0.09
C PRO A 209 -18.16 -13.99 -1.17
N ASN A 210 -18.61 -13.29 -2.21
CA ASN A 210 -17.69 -12.88 -3.25
C ASN A 210 -17.16 -11.43 -3.17
N ALA A 211 -17.42 -10.78 -2.04
CA ALA A 211 -16.91 -9.42 -1.82
C ALA A 211 -15.58 -9.61 -1.11
N ILE A 212 -14.51 -9.03 -1.65
CA ILE A 212 -13.19 -9.19 -1.06
C ILE A 212 -12.55 -7.93 -0.54
N PHE A 213 -12.34 -7.86 0.77
CA PHE A 213 -11.68 -6.71 1.35
C PHE A 213 -10.21 -7.06 1.56
N THR A 214 -9.32 -6.19 1.10
CA THR A 214 -7.90 -6.42 1.21
C THR A 214 -7.24 -5.29 1.98
N LEU A 215 -6.20 -5.63 2.75
CA LEU A 215 -5.52 -4.65 3.59
C LEU A 215 -3.99 -4.79 3.57
N ASN A 216 -3.30 -3.66 3.66
CA ASN A 216 -1.83 -3.65 3.69
C ASN A 216 -1.43 -3.23 5.12
N LEU A 217 -0.48 -3.94 5.71
CA LEU A 217 -0.03 -3.60 7.07
C LEU A 217 0.65 -2.23 7.06
N SER A 218 1.13 -1.84 5.88
CA SER A 218 1.77 -0.55 5.63
C SER A 218 3.08 -0.18 6.31
N ALA A 219 3.12 -0.32 7.64
CA ALA A 219 4.33 0.03 8.38
C ALA A 219 4.27 -0.48 9.79
N PRO A 220 5.44 -0.71 10.41
CA PRO A 220 5.51 -1.21 11.78
C PRO A 220 4.71 -0.38 12.78
N PHE A 221 4.77 0.94 12.67
CA PHE A 221 4.06 1.79 13.62
C PHE A 221 2.54 1.65 13.53
N CYS A 222 2.01 1.30 12.36
CA CYS A 222 0.57 1.14 12.21
C CYS A 222 0.09 -0.05 13.04
N VAL A 223 0.89 -1.11 13.08
CA VAL A 223 0.55 -2.30 13.82
C VAL A 223 0.43 -2.04 15.32
N GLU A 224 1.32 -1.20 15.86
CA GLU A 224 1.29 -0.91 17.28
C GLU A 224 0.27 0.17 17.62
N LEU A 225 0.37 1.30 16.93
CA LEU A 225 -0.50 2.43 17.21
C LEU A 225 -2.00 2.12 17.10
N TYR A 226 -2.39 1.26 16.17
CA TYR A 226 -3.80 0.92 15.97
C TYR A 226 -4.14 -0.53 16.29
N LYS A 227 -3.44 -1.08 17.28
CA LYS A 227 -3.62 -2.47 17.69
C LYS A 227 -5.04 -3.01 17.74
N ASP A 228 -5.91 -2.37 18.52
CA ASP A 228 -7.27 -2.86 18.68
C ASP A 228 -8.16 -2.60 17.47
N ALA A 229 -8.01 -1.45 16.83
CA ALA A 229 -8.80 -1.16 15.64
C ALA A 229 -8.40 -2.15 14.54
N MET A 230 -7.10 -2.44 14.46
CA MET A 230 -6.64 -3.37 13.43
C MET A 230 -7.11 -4.79 13.70
N GLN A 231 -7.18 -5.18 14.97
CA GLN A 231 -7.62 -6.53 15.31
C GLN A 231 -9.06 -6.71 14.83
N SER A 232 -9.89 -5.69 15.03
CA SER A 232 -11.28 -5.76 14.60
C SER A 232 -11.34 -5.77 13.08
N LEU A 233 -10.59 -4.88 12.46
CA LEU A 233 -10.55 -4.78 11.00
C LEU A 233 -10.13 -6.11 10.38
N LEU A 234 -9.14 -6.78 10.97
CA LEU A 234 -8.66 -8.04 10.43
C LEU A 234 -9.73 -9.13 10.42
N LEU A 235 -10.66 -9.09 11.39
CA LEU A 235 -11.73 -10.09 11.39
C LEU A 235 -12.61 -9.91 10.15
N HIS A 236 -12.64 -8.69 9.61
CA HIS A 236 -13.44 -8.40 8.41
C HIS A 236 -12.57 -8.43 7.15
N THR A 237 -11.35 -8.94 7.27
CA THR A 237 -10.45 -8.94 6.11
C THR A 237 -10.33 -10.29 5.38
N ASN A 238 -10.30 -10.24 4.05
CA ASN A 238 -10.19 -11.45 3.23
C ASN A 238 -8.74 -11.72 2.84
N ILE A 239 -8.02 -10.66 2.47
CA ILE A 239 -6.61 -10.81 2.10
C ILE A 239 -5.76 -9.75 2.81
N LEU A 240 -4.70 -10.20 3.47
CA LEU A 240 -3.80 -9.31 4.19
C LEU A 240 -2.42 -9.33 3.54
N PHE A 241 -1.91 -8.15 3.18
CA PHE A 241 -0.59 -8.03 2.57
C PHE A 241 0.36 -7.40 3.57
N GLY A 242 1.63 -7.80 3.53
CA GLY A 242 2.63 -7.22 4.42
C GLY A 242 4.03 -7.74 4.14
N ASN A 243 5.04 -6.99 4.54
CA ASN A 243 6.42 -7.43 4.36
C ASN A 243 6.90 -8.08 5.66
N GLU A 244 8.14 -8.57 5.67
CA GLU A 244 8.67 -9.24 6.84
C GLU A 244 8.63 -8.43 8.13
N GLU A 245 9.13 -7.20 8.08
CA GLU A 245 9.17 -6.35 9.26
C GLU A 245 7.80 -6.07 9.83
N GLU A 246 6.82 -5.81 8.97
CA GLU A 246 5.46 -5.54 9.42
C GLU A 246 4.87 -6.76 10.13
N PHE A 247 5.05 -7.94 9.53
CA PHE A 247 4.53 -9.17 10.11
C PHE A 247 5.23 -9.52 11.42
N ALA A 248 6.51 -9.17 11.53
CA ALA A 248 7.24 -9.45 12.77
C ALA A 248 6.59 -8.66 13.89
N HIS A 249 6.26 -7.40 13.62
CA HIS A 249 5.62 -6.53 14.59
C HIS A 249 4.22 -7.05 14.91
N LEU A 250 3.50 -7.49 13.88
CA LEU A 250 2.15 -8.02 14.08
C LEU A 250 2.21 -9.23 15.00
N ALA A 251 3.19 -10.09 14.76
CA ALA A 251 3.36 -11.31 15.55
C ALA A 251 3.67 -11.02 17.02
N LYS A 252 4.42 -9.96 17.27
CA LYS A 252 4.78 -9.60 18.63
C LYS A 252 3.63 -8.93 19.37
N VAL A 253 2.94 -8.03 18.71
CA VAL A 253 1.81 -7.32 19.33
C VAL A 253 0.63 -8.23 19.62
N HIS A 254 0.36 -9.17 18.72
CA HIS A 254 -0.78 -10.07 18.91
C HIS A 254 -0.38 -11.46 19.38
N ASN A 255 0.85 -11.58 19.88
CA ASN A 255 1.37 -12.85 20.40
C ASN A 255 1.02 -14.02 19.48
N LEU A 256 1.40 -13.92 18.22
CA LEU A 256 1.11 -14.97 17.24
C LEU A 256 2.02 -16.18 17.41
N VAL A 257 3.19 -15.96 18.00
CA VAL A 257 4.13 -17.05 18.22
C VAL A 257 4.72 -16.91 19.62
N ALA A 258 5.38 -17.96 20.10
CA ALA A 258 5.98 -17.94 21.43
C ALA A 258 7.06 -16.86 21.50
N ALA A 259 7.23 -16.29 22.69
CA ALA A 259 8.22 -15.24 22.91
C ALA A 259 9.59 -15.67 22.40
N GLU A 260 9.87 -16.96 22.50
CA GLU A 260 11.15 -17.51 22.06
C GLU A 260 11.33 -17.40 20.55
N LYS A 261 10.24 -17.35 19.81
CA LYS A 261 10.29 -17.26 18.36
C LYS A 261 10.09 -15.85 17.80
N THR A 262 9.57 -14.96 18.64
CA THR A 262 9.30 -13.58 18.23
C THR A 262 10.50 -12.87 17.58
N ALA A 263 11.71 -13.34 17.86
CA ALA A 263 12.90 -12.70 17.30
C ALA A 263 13.55 -13.48 16.16
N LEU A 264 13.03 -14.66 15.88
CA LEU A 264 13.58 -15.49 14.81
C LEU A 264 13.49 -14.77 13.46
N SER A 265 14.41 -15.08 12.56
CA SER A 265 14.43 -14.46 11.23
C SER A 265 13.36 -15.02 10.31
N THR A 266 12.62 -14.12 9.65
CA THR A 266 11.58 -14.52 8.72
C THR A 266 12.21 -14.93 7.38
N ALA A 267 13.55 -14.88 7.33
CA ALA A 267 14.27 -15.27 6.13
C ALA A 267 14.31 -16.80 6.14
N ASN A 268 13.85 -17.35 7.27
CA ASN A 268 13.77 -18.80 7.48
C ASN A 268 12.35 -19.25 7.16
N LYS A 269 12.18 -19.93 6.03
CA LYS A 269 10.88 -20.42 5.59
C LYS A 269 10.01 -20.90 6.75
N GLU A 270 10.54 -21.81 7.56
CA GLU A 270 9.79 -22.35 8.70
C GLU A 270 9.15 -21.26 9.55
N HIS A 271 9.93 -20.26 9.95
CA HIS A 271 9.42 -19.18 10.77
C HIS A 271 8.40 -18.30 10.03
N ALA A 272 8.66 -18.04 8.75
CA ALA A 272 7.77 -17.23 7.95
C ALA A 272 6.41 -17.90 7.85
N VAL A 273 6.41 -19.22 7.67
CA VAL A 273 5.16 -19.96 7.55
C VAL A 273 4.38 -19.96 8.86
N GLU A 274 5.09 -20.07 9.99
CA GLU A 274 4.42 -20.06 11.29
C GLU A 274 3.78 -18.71 11.54
N VAL A 275 4.46 -17.64 11.13
CA VAL A 275 3.95 -16.29 11.33
C VAL A 275 2.71 -16.05 10.45
N CYS A 276 2.79 -16.46 9.18
CA CYS A 276 1.67 -16.30 8.27
C CYS A 276 0.45 -17.10 8.73
N THR A 277 0.69 -18.32 9.19
N THR A 277 0.67 -18.32 9.18
CA THR A 277 -0.37 -19.20 9.66
CA THR A 277 -0.41 -19.17 9.65
C THR A 277 -1.02 -18.62 10.92
C THR A 277 -1.04 -18.59 10.92
N GLY A 278 -0.21 -17.99 11.77
CA GLY A 278 -0.72 -17.40 12.99
C GLY A 278 -1.55 -16.17 12.66
N ALA A 279 -1.07 -15.37 11.71
CA ALA A 279 -1.78 -14.15 11.31
C ALA A 279 -3.12 -14.50 10.64
N LEU A 280 -3.17 -15.64 9.95
CA LEU A 280 -4.39 -16.06 9.28
C LEU A 280 -5.53 -16.21 10.29
N ARG A 281 -5.18 -16.62 11.50
CA ARG A 281 -6.18 -16.79 12.55
C ARG A 281 -6.83 -15.46 12.90
N LEU A 282 -6.10 -14.37 12.70
CA LEU A 282 -6.65 -13.05 12.99
C LEU A 282 -7.74 -12.70 11.99
N LEU A 283 -7.74 -13.37 10.83
CA LEU A 283 -8.74 -13.12 9.80
C LEU A 283 -9.87 -14.14 9.87
N THR A 284 -9.53 -15.38 10.18
CA THR A 284 -10.53 -16.45 10.22
C THR A 284 -11.29 -16.60 11.54
N ALA A 285 -10.65 -16.24 12.65
CA ALA A 285 -11.27 -16.37 13.95
C ALA A 285 -11.68 -17.82 14.18
N GLY A 286 -10.94 -18.73 13.55
CA GLY A 286 -11.23 -20.16 13.71
C GLY A 286 -12.44 -20.69 12.96
N GLN A 287 -13.15 -19.81 12.25
CA GLN A 287 -14.32 -20.23 11.50
C GLN A 287 -14.02 -20.41 10.02
N ASN A 288 -14.87 -21.17 9.35
CA ASN A 288 -14.69 -21.43 7.93
C ASN A 288 -15.94 -21.21 7.10
N THR A 289 -15.83 -20.34 6.09
CA THR A 289 -16.94 -20.05 5.19
C THR A 289 -16.44 -20.19 3.75
N SER A 290 -17.23 -19.76 2.79
CA SER A 290 -16.81 -19.85 1.40
C SER A 290 -16.00 -18.61 1.02
N ALA A 291 -15.93 -17.64 1.92
CA ALA A 291 -15.20 -16.41 1.67
C ALA A 291 -13.70 -16.61 1.64
N THR A 292 -13.01 -15.72 0.94
CA THR A 292 -11.55 -15.78 0.83
C THR A 292 -10.91 -15.33 2.13
N LYS A 293 -9.92 -16.09 2.58
CA LYS A 293 -9.16 -15.78 3.80
C LYS A 293 -7.72 -16.15 3.46
N LEU A 294 -6.90 -15.11 3.29
CA LEU A 294 -5.53 -15.29 2.85
C LEU A 294 -4.54 -14.26 3.40
N VAL A 295 -3.36 -14.70 3.79
N VAL A 295 -3.35 -14.71 3.78
CA VAL A 295 -2.32 -13.80 4.28
CA VAL A 295 -2.31 -13.84 4.31
C VAL A 295 -1.12 -13.95 3.36
C VAL A 295 -1.08 -13.96 3.38
N VAL A 296 -0.60 -12.82 2.86
CA VAL A 296 0.54 -12.83 1.95
C VAL A 296 1.73 -12.04 2.50
N MET A 297 2.87 -12.71 2.63
CA MET A 297 4.07 -12.05 3.15
C MET A 297 5.17 -11.93 2.09
N THR A 298 5.53 -10.71 1.72
CA THR A 298 6.60 -10.53 0.75
C THR A 298 7.88 -10.59 1.57
N ARG A 299 8.95 -11.13 1.00
CA ARG A 299 10.20 -11.27 1.71
C ARG A 299 11.42 -10.84 0.90
N GLY A 300 11.33 -9.65 0.30
CA GLY A 300 12.43 -9.15 -0.49
C GLY A 300 12.79 -10.06 -1.64
N HIS A 301 14.05 -10.49 -1.71
CA HIS A 301 14.48 -11.37 -2.79
C HIS A 301 14.09 -12.81 -2.54
N ASN A 302 13.77 -13.15 -1.29
CA ASN A 302 13.36 -14.51 -0.95
C ASN A 302 11.93 -14.76 -1.43
N PRO A 303 11.56 -16.04 -1.59
CA PRO A 303 10.21 -16.43 -2.05
C PRO A 303 9.08 -15.86 -1.23
N VAL A 304 8.01 -15.46 -1.91
CA VAL A 304 6.84 -14.94 -1.23
C VAL A 304 6.17 -16.14 -0.56
N ILE A 305 5.71 -15.95 0.67
CA ILE A 305 5.04 -17.01 1.43
C ILE A 305 3.60 -16.56 1.70
N ALA A 306 2.66 -17.50 1.62
CA ALA A 306 1.26 -17.17 1.87
C ALA A 306 0.54 -18.33 2.52
N ALA A 307 -0.37 -18.02 3.43
CA ALA A 307 -1.16 -19.04 4.13
C ALA A 307 -2.61 -18.80 3.70
N GLU A 308 -3.24 -19.83 3.13
CA GLU A 308 -4.61 -19.72 2.64
C GLU A 308 -5.57 -20.71 3.29
N GLN A 309 -6.73 -20.23 3.73
CA GLN A 309 -7.73 -21.14 4.30
C GLN A 309 -8.57 -21.54 3.10
N THR A 310 -8.55 -22.83 2.76
CA THR A 310 -9.29 -23.30 1.59
C THR A 310 -10.78 -23.49 1.86
N ALA A 311 -11.51 -23.88 0.81
CA ALA A 311 -12.95 -24.08 0.88
C ALA A 311 -13.41 -24.92 2.09
N ASP A 312 -12.77 -26.06 2.35
CA ASP A 312 -13.20 -26.87 3.47
C ASP A 312 -12.54 -26.54 4.82
N GLY A 313 -11.80 -25.43 4.87
CA GLY A 313 -11.18 -25.03 6.12
C GLY A 313 -9.72 -25.43 6.33
N THR A 314 -9.22 -26.32 5.49
CA THR A 314 -7.82 -26.74 5.65
C THR A 314 -6.93 -25.59 5.18
N VAL A 315 -5.80 -25.42 5.86
CA VAL A 315 -4.87 -24.35 5.51
C VAL A 315 -3.77 -24.86 4.60
N VAL A 316 -3.53 -24.13 3.51
CA VAL A 316 -2.50 -24.49 2.55
C VAL A 316 -1.46 -23.38 2.49
N VAL A 317 -0.19 -23.75 2.42
CA VAL A 317 0.90 -22.79 2.35
C VAL A 317 1.44 -22.68 0.94
N HIS A 318 1.61 -21.44 0.46
CA HIS A 318 2.15 -21.19 -0.86
C HIS A 318 3.54 -20.58 -0.77
N GLU A 319 4.42 -20.99 -1.67
CA GLU A 319 5.78 -20.43 -1.71
C GLU A 319 6.05 -20.13 -3.17
N VAL A 320 6.19 -18.85 -3.49
CA VAL A 320 6.44 -18.43 -4.86
C VAL A 320 7.78 -17.75 -4.99
N GLY A 321 8.71 -18.41 -5.67
CA GLY A 321 10.03 -17.83 -5.85
C GLY A 321 9.99 -16.52 -6.58
N VAL A 322 10.94 -15.65 -6.26
CA VAL A 322 11.03 -14.34 -6.90
C VAL A 322 12.15 -14.37 -7.94
N PRO A 323 11.83 -14.00 -9.19
CA PRO A 323 12.84 -13.99 -10.25
C PRO A 323 14.06 -13.19 -9.82
N VAL A 324 15.25 -13.76 -10.01
CA VAL A 324 16.49 -13.10 -9.63
C VAL A 324 16.75 -11.84 -10.44
N VAL A 325 17.25 -10.80 -9.77
CA VAL A 325 17.58 -9.55 -10.41
C VAL A 325 18.89 -9.03 -9.82
N ALA A 326 19.91 -8.93 -10.67
CA ALA A 326 21.24 -8.46 -10.24
C ALA A 326 21.12 -7.20 -9.40
N ALA A 327 21.83 -7.17 -8.27
CA ALA A 327 21.81 -6.02 -7.38
C ALA A 327 22.25 -4.75 -8.12
N GLU A 328 22.96 -4.94 -9.22
CA GLU A 328 23.44 -3.81 -10.03
C GLU A 328 22.31 -3.18 -10.83
N LYS A 329 21.21 -3.91 -11.00
CA LYS A 329 20.08 -3.42 -11.78
C LYS A 329 18.97 -2.84 -10.89
N ILE A 330 19.18 -2.90 -9.58
CA ILE A 330 18.20 -2.38 -8.63
C ILE A 330 18.43 -0.91 -8.36
N VAL A 331 17.47 -0.08 -8.78
CA VAL A 331 17.56 1.37 -8.60
C VAL A 331 17.07 1.82 -7.24
N ASP A 332 15.99 1.19 -6.75
CA ASP A 332 15.40 1.55 -5.47
C ASP A 332 14.27 0.58 -5.14
N THR A 333 14.18 0.14 -3.89
CA THR A 333 13.14 -0.79 -3.49
C THR A 333 11.86 -0.10 -3.02
N ASN A 334 11.90 1.23 -2.94
CA ASN A 334 10.72 1.99 -2.52
C ASN A 334 9.67 1.82 -3.60
N GLY A 335 8.42 1.60 -3.19
CA GLY A 335 7.34 1.44 -4.16
C GLY A 335 7.14 0.03 -4.67
N ALA A 336 8.08 -0.86 -4.35
CA ALA A 336 7.99 -2.25 -4.79
C ALA A 336 6.75 -2.91 -4.17
N GLY A 337 6.53 -2.63 -2.89
CA GLY A 337 5.39 -3.21 -2.21
C GLY A 337 4.07 -2.77 -2.80
N ASP A 338 3.95 -1.47 -3.08
CA ASP A 338 2.72 -0.95 -3.66
C ASP A 338 2.46 -1.56 -5.03
N ALA A 339 3.51 -1.70 -5.82
CA ALA A 339 3.39 -2.28 -7.15
C ALA A 339 2.99 -3.75 -7.06
N PHE A 340 3.59 -4.46 -6.09
CA PHE A 340 3.27 -5.87 -5.89
C PHE A 340 1.77 -6.02 -5.65
N VAL A 341 1.23 -5.22 -4.72
CA VAL A 341 -0.19 -5.29 -4.39
C VAL A 341 -1.05 -4.97 -5.62
N GLY A 342 -0.64 -3.94 -6.36
CA GLY A 342 -1.36 -3.56 -7.57
C GLY A 342 -1.47 -4.74 -8.53
N GLY A 343 -0.34 -5.41 -8.76
CA GLY A 343 -0.33 -6.56 -9.67
C GLY A 343 -1.22 -7.69 -9.16
N PHE A 344 -1.11 -7.99 -7.86
CA PHE A 344 -1.89 -9.05 -7.25
C PHE A 344 -3.38 -8.78 -7.44
N LEU A 345 -3.80 -7.54 -7.17
CA LEU A 345 -5.20 -7.19 -7.28
C LEU A 345 -5.69 -7.23 -8.72
N TYR A 346 -4.83 -6.83 -9.65
CA TYR A 346 -5.21 -6.86 -11.06
C TYR A 346 -5.49 -8.32 -11.44
N ALA A 347 -4.55 -9.19 -11.09
CA ALA A 347 -4.67 -10.62 -11.38
C ALA A 347 -5.92 -11.19 -10.71
N LEU A 348 -6.17 -10.77 -9.48
CA LEU A 348 -7.33 -11.25 -8.74
C LEU A 348 -8.64 -10.88 -9.46
N SER A 349 -8.69 -9.68 -10.03
CA SER A 349 -9.89 -9.24 -10.75
C SER A 349 -10.08 -10.09 -12.00
N GLN A 350 -9.00 -10.72 -12.46
CA GLN A 350 -9.07 -11.56 -13.65
C GLN A 350 -9.33 -13.01 -13.27
N GLY A 351 -9.64 -13.24 -11.99
CA GLY A 351 -9.91 -14.58 -11.50
C GLY A 351 -8.75 -15.57 -11.52
N LYS A 352 -7.53 -15.07 -11.43
CA LYS A 352 -6.36 -15.95 -11.45
C LYS A 352 -6.17 -16.65 -10.09
N THR A 353 -5.39 -17.72 -10.08
CA THR A 353 -5.13 -18.46 -8.84
C THR A 353 -4.26 -17.61 -7.91
N VAL A 354 -4.14 -18.04 -6.66
CA VAL A 354 -3.33 -17.32 -5.69
C VAL A 354 -1.88 -17.23 -6.16
N LYS A 355 -1.34 -18.34 -6.64
CA LYS A 355 0.04 -18.34 -7.11
C LYS A 355 0.20 -17.38 -8.29
N GLN A 356 -0.76 -17.41 -9.22
CA GLN A 356 -0.70 -16.53 -10.38
C GLN A 356 -0.78 -15.05 -9.96
N CYS A 357 -1.58 -14.76 -8.94
CA CYS A 357 -1.69 -13.38 -8.47
C CYS A 357 -0.37 -12.91 -7.90
N ILE A 358 0.31 -13.79 -7.17
CA ILE A 358 1.58 -13.44 -6.57
C ILE A 358 2.63 -13.20 -7.66
N MET A 359 2.63 -14.05 -8.69
N MET A 359 2.63 -14.05 -8.69
CA MET A 359 3.58 -13.91 -9.78
CA MET A 359 3.59 -13.90 -9.77
C MET A 359 3.40 -12.59 -10.52
C MET A 359 3.41 -12.57 -10.50
N CYS A 360 2.15 -12.16 -10.69
CA CYS A 360 1.88 -10.89 -11.36
C CYS A 360 2.37 -9.76 -10.46
N GLY A 361 2.14 -9.89 -9.16
CA GLY A 361 2.60 -8.87 -8.24
C GLY A 361 4.12 -8.78 -8.34
N ASN A 362 4.78 -9.93 -8.42
CA ASN A 362 6.24 -9.97 -8.53
C ASN A 362 6.71 -9.27 -9.80
N ALA A 363 6.02 -9.54 -10.90
CA ALA A 363 6.39 -8.94 -12.18
C ALA A 363 6.30 -7.42 -12.13
N CYS A 364 5.24 -6.91 -11.51
CA CYS A 364 5.04 -5.48 -11.38
C CYS A 364 6.09 -4.85 -10.47
N ALA A 365 6.37 -5.52 -9.36
CA ALA A 365 7.36 -5.04 -8.41
C ALA A 365 8.73 -5.01 -9.07
N GLN A 366 9.04 -6.06 -9.83
CA GLN A 366 10.32 -6.16 -10.51
C GLN A 366 10.52 -5.03 -11.51
N ASP A 367 9.44 -4.65 -12.19
CA ASP A 367 9.52 -3.56 -13.16
C ASP A 367 9.86 -2.23 -12.47
N VAL A 368 9.09 -1.90 -11.44
CA VAL A 368 9.26 -0.65 -10.71
C VAL A 368 10.63 -0.44 -10.02
N ILE A 369 11.21 -1.49 -9.46
CA ILE A 369 12.49 -1.33 -8.77
C ILE A 369 13.68 -1.15 -9.70
N GLN A 370 13.47 -1.31 -11.00
CA GLN A 370 14.58 -1.19 -11.94
C GLN A 370 14.68 0.15 -12.64
N HIS A 371 13.88 1.12 -12.21
CA HIS A 371 13.93 2.45 -12.80
C HIS A 371 13.41 3.50 -11.82
N VAL A 372 13.72 4.76 -12.07
CA VAL A 372 13.27 5.84 -11.19
C VAL A 372 11.75 5.97 -11.28
N GLY A 373 11.13 6.20 -10.13
CA GLY A 373 9.68 6.33 -10.10
C GLY A 373 9.00 5.13 -9.48
N PHE A 374 7.75 5.31 -9.07
CA PHE A 374 6.98 4.24 -8.45
C PHE A 374 5.86 3.73 -9.34
N SER A 375 5.99 3.99 -10.64
CA SER A 375 4.98 3.55 -11.59
C SER A 375 5.56 2.53 -12.57
N LEU A 376 4.68 1.78 -13.22
CA LEU A 376 5.12 0.78 -14.19
C LEU A 376 5.65 1.51 -15.42
N SER A 377 6.65 0.92 -16.06
N SER A 377 6.65 0.92 -16.07
CA SER A 377 7.24 1.51 -17.26
CA SER A 377 7.24 1.51 -17.26
C SER A 377 6.19 1.60 -18.36
C SER A 377 6.19 1.60 -18.36
N PHE A 378 6.34 2.58 -19.25
CA PHE A 378 5.40 2.78 -20.35
C PHE A 378 5.26 1.51 -21.18
N THR A 379 6.39 0.85 -21.44
CA THR A 379 6.42 -0.37 -22.24
C THR A 379 5.85 -1.60 -21.55
N PHE A 380 5.81 -1.58 -20.22
CA PHE A 380 5.28 -2.71 -19.46
C PHE A 380 3.92 -3.14 -19.98
CL CL B . -2.32 5.24 1.33
NA NA C . -12.92 -21.43 3.49
NA NA D . 11.45 2.73 -9.07
C ACT E . 4.57 -4.92 0.82
O ACT E . 5.60 -5.73 0.56
OXT ACT E . 4.77 -3.76 1.13
CH3 ACT E . 3.15 -5.43 0.73
O5' MTP F . 5.91 3.48 -1.21
C5' MTP F . 6.22 4.76 -1.77
C4' MTP F . 5.06 5.72 -1.49
O4' MTP F . 4.88 5.82 -0.07
C1' MTP F . 4.08 7.00 0.05
N9 MTP F . 3.85 7.39 1.45
C8 MTP F . 4.76 7.84 2.32
N7 MTP F . 4.20 8.01 3.51
C5 MTP F . 2.93 7.66 3.41
C6 MTP F . 1.86 7.62 4.31
S6 MTP F . 2.05 8.09 5.98
CS MTP F . 0.52 7.68 6.80
N1 MTP F . 0.66 7.21 3.85
C2 MTP F . 0.48 6.84 2.60
N3 MTP F . 1.48 6.87 1.73
C4 MTP F . 2.70 7.28 2.10
C2' MTP F . 4.87 8.00 -0.79
O2' MTP F . 4.04 9.06 -1.27
C3' MTP F . 5.42 7.14 -1.93
O3' MTP F . 4.73 7.44 -3.14
O5' MTP G . 7.46 -5.42 -2.90
C5' MTP G . 7.93 -6.74 -2.62
C4' MTP G . 8.29 -7.46 -3.93
O4' MTP G . 9.31 -6.70 -4.61
C1' MTP G . 10.12 -7.64 -5.34
N9 MTP G . 11.52 -7.50 -4.88
C8 MTP G . 11.93 -6.78 -3.83
N7 MTP G . 13.26 -6.89 -3.72
C5 MTP G . 13.69 -7.67 -4.69
C6 MTP G . 14.94 -8.15 -5.09
S6 MTP G . 16.38 -7.70 -4.19
CS MTP G . 17.75 -8.59 -4.92
N1 MTP G . 15.02 -8.96 -6.15
C2 MTP G . 13.95 -9.31 -6.84
N3 MTP G . 12.75 -8.88 -6.50
C4 MTP G . 12.59 -8.06 -5.43
C2' MTP G . 9.59 -9.04 -5.01
O2' MTP G . 8.56 -9.37 -5.96
C3' MTP G . 8.96 -8.79 -3.64
O3' MTP G . 7.96 -9.78 -3.40
#